data_3EMY
#
_entry.id   3EMY
#
_cell.length_a   74.276
_cell.length_b   74.276
_cell.length_c   160.027
_cell.angle_alpha   90.00
_cell.angle_beta   90.00
_cell.angle_gamma   90.00
#
_symmetry.space_group_name_H-M   'P 43 21 2'
#
loop_
_entity.id
_entity.type
_entity.pdbx_description
1 polymer 'Trichoderma reesei Aspartic protease'
2 polymer Pepstatin
3 water water
#
loop_
_entity_poly.entity_id
_entity_poly.type
_entity_poly.pdbx_seq_one_letter_code
_entity_poly.pdbx_strand_id
1 'polypeptide(L)'
;(PCA)TGSAPNHPSDSADSEYITSVSIGTPAQVLPLDFDTGSSDLWVFSSETPKSSATGHAIYTPSKSSTSKKVSGASWS
ISYGDGSSSSGDVYTDKVTIGGFSVNTQGVESATRVSTEFVQDTVISGLVGLAFDSGNQVRPHPQKTWFSNAASSLAEPL
FTADLRHGQNGSYNFGYIDTSVAKGPVAYTPVDNSQGFWEFTASGYSVGGGKLNRNSIDGIADTGTTLLLLDDNVVDAYY
ANVQSAQYDNQQEGVVFDCDEDLPSFSFGVGSSTITIPGDLLNLTPLEEGSSTCFGGLQSSSGIGINIFGDVALKAALVV
FDLGNERLGWAQK
;
A
2 'polypeptide(L)' (IVA)VV(STA)A(STA) B
#
# COMPACT_ATOMS: atom_id res chain seq x y z
N THR A 2 3.57 16.77 -13.43
CA THR A 2 2.98 15.52 -12.95
C THR A 2 4.15 14.59 -12.73
N GLY A 3 3.86 13.41 -12.21
CA GLY A 3 4.81 12.30 -12.15
C GLY A 3 4.06 11.05 -12.58
N SER A 4 4.75 10.10 -13.19
CA SER A 4 4.11 8.82 -13.51
C SER A 4 5.20 7.78 -13.35
N ALA A 5 5.00 6.86 -12.43
CA ALA A 5 6.01 5.84 -12.07
C ALA A 5 5.42 4.40 -12.21
N PRO A 6 5.95 3.61 -13.14
CA PRO A 6 5.47 2.19 -13.28
C PRO A 6 5.70 1.39 -11.97
N ASN A 7 4.73 0.54 -11.58
CA ASN A 7 4.94 -0.31 -10.48
C ASN A 7 4.83 -1.78 -10.96
N HIS A 8 5.27 -2.70 -10.12
CA HIS A 8 5.12 -4.16 -10.42
C HIS A 8 4.93 -4.97 -9.12
N PRO A 9 4.19 -6.11 -9.19
CA PRO A 9 4.02 -6.97 -8.00
C PRO A 9 5.38 -7.59 -7.70
N SER A 10 5.70 -7.78 -6.45
CA SER A 10 7.06 -8.26 -6.06
C SER A 10 7.19 -9.73 -6.30
N ASP A 11 6.08 -10.44 -6.42
CA ASP A 11 6.14 -11.92 -6.59
C ASP A 11 4.84 -12.38 -7.25
N SER A 12 4.66 -13.68 -7.44
CA SER A 12 3.45 -14.18 -8.14
C SER A 12 2.13 -14.11 -7.32
N ALA A 13 2.24 -13.83 -6.03
CA ALA A 13 1.05 -13.74 -5.19
C ALA A 13 0.69 -12.25 -4.85
N ASP A 14 1.28 -11.33 -5.60
CA ASP A 14 1.04 -9.89 -5.42
C ASP A 14 1.23 -9.52 -3.95
N SER A 15 2.31 -9.99 -3.33
CA SER A 15 2.47 -9.68 -1.89
C SER A 15 2.54 -8.16 -1.66
N GLU A 16 3.28 -7.48 -2.55
CA GLU A 16 3.45 -6.03 -2.41
C GLU A 16 3.81 -5.50 -3.77
N TYR A 17 3.85 -4.17 -3.90
CA TYR A 17 4.06 -3.50 -5.19
C TYR A 17 5.30 -2.66 -5.08
N ILE A 18 6.14 -2.73 -6.10
CA ILE A 18 7.46 -2.06 -6.13
C ILE A 18 7.56 -1.02 -7.20
N THR A 19 8.13 0.14 -6.87
CA THR A 19 8.24 1.28 -7.73
C THR A 19 9.63 1.91 -7.54
N SER A 20 10.28 2.35 -8.61
CA SER A 20 11.60 2.97 -8.50
C SER A 20 11.48 4.40 -7.98
N VAL A 21 12.45 4.83 -7.17
CA VAL A 21 12.50 6.22 -6.64
C VAL A 21 13.96 6.62 -6.77
N SER A 22 14.22 7.88 -7.17
CA SER A 22 15.62 8.31 -7.37
C SER A 22 15.93 9.29 -6.26
N ILE A 23 16.95 8.98 -5.48
CA ILE A 23 17.29 9.85 -4.40
C ILE A 23 18.70 10.41 -4.63
N GLY A 24 18.86 11.71 -4.40
CA GLY A 24 20.23 12.25 -4.36
C GLY A 24 20.70 12.76 -5.69
N THR A 25 21.93 13.30 -5.67
CA THR A 25 22.56 13.89 -6.81
C THR A 25 24.04 13.36 -6.88
N PRO A 26 24.38 12.58 -7.93
CA PRO A 26 23.46 12.09 -8.97
C PRO A 26 22.48 11.04 -8.38
N ALA A 27 21.46 10.65 -9.17
CA ALA A 27 20.33 9.84 -8.68
C ALA A 27 20.81 8.45 -8.29
N GLN A 28 20.37 7.99 -7.12
CA GLN A 28 20.58 6.59 -6.71
C GLN A 28 19.17 6.02 -6.77
N VAL A 29 18.98 4.96 -7.57
CA VAL A 29 17.63 4.50 -7.91
C VAL A 29 17.32 3.31 -7.04
N LEU A 30 16.28 3.41 -6.20
CA LEU A 30 15.97 2.36 -5.25
C LEU A 30 14.55 1.83 -5.49
N PRO A 31 14.40 0.51 -5.38
CA PRO A 31 13.03 0.01 -5.51
C PRO A 31 12.31 0.12 -4.11
N LEU A 32 11.25 0.93 -4.00
CA LEU A 32 10.62 1.16 -2.71
C LEU A 32 9.13 0.73 -2.75
N ASP A 33 8.57 0.48 -1.58
CA ASP A 33 7.19 0.01 -1.48
C ASP A 33 6.36 1.27 -1.06
N PHE A 34 5.50 1.73 -1.95
CA PHE A 34 4.69 2.95 -1.70
C PHE A 34 3.53 2.54 -0.81
N ASP A 35 3.45 3.14 0.36
CA ASP A 35 2.59 2.61 1.45
C ASP A 35 1.65 3.70 1.94
N THR A 36 0.39 3.70 1.49
CA THR A 36 -0.54 4.74 1.89
C THR A 36 -0.99 4.42 3.37
N GLY A 37 -0.43 3.36 3.98
CA GLY A 37 -0.71 3.10 5.39
C GLY A 37 0.42 3.48 6.36
N SER A 38 1.43 4.24 5.90
CA SER A 38 2.39 4.77 6.86
C SER A 38 2.86 6.14 6.40
N SER A 39 3.71 6.81 7.20
CA SER A 39 3.92 8.25 6.96
C SER A 39 5.41 8.61 6.90
N ASP A 40 6.24 7.56 6.86
CA ASP A 40 7.68 7.76 6.82
C ASP A 40 8.31 7.23 5.52
N LEU A 41 9.18 8.02 4.92
CA LEU A 41 9.94 7.53 3.77
C LEU A 41 11.29 7.02 4.37
N TRP A 42 11.49 5.73 4.46
CA TRP A 42 12.75 5.16 4.98
C TRP A 42 13.40 4.22 4.00
N VAL A 43 14.75 4.19 3.99
CA VAL A 43 15.48 3.39 3.02
C VAL A 43 16.59 2.56 3.68
N PHE A 44 16.86 1.42 3.10
CA PHE A 44 18.13 0.75 3.37
C PHE A 44 19.24 1.71 2.86
N SER A 45 20.27 1.86 3.68
CA SER A 45 21.30 2.80 3.33
C SER A 45 22.68 2.26 3.68
N SER A 46 23.70 3.10 3.47
CA SER A 46 25.07 2.72 3.86
C SER A 46 25.18 2.66 5.35
N GLU A 47 24.20 3.15 6.09
CA GLU A 47 24.19 3.01 7.57
C GLU A 47 23.43 1.72 8.08
N THR A 48 22.72 1.03 7.18
CA THR A 48 22.04 -0.18 7.54
C THR A 48 23.12 -1.24 7.74
N PRO A 49 23.00 -2.02 8.81
CA PRO A 49 24.01 -3.15 8.96
C PRO A 49 24.15 -3.95 7.64
N LYS A 50 25.40 -4.21 7.24
CA LYS A 50 25.65 -4.90 6.00
C LYS A 50 25.03 -6.29 5.99
N SER A 51 24.88 -6.88 7.17
CA SER A 51 24.32 -8.23 7.31
C SER A 51 22.79 -8.12 7.01
N SER A 52 22.21 -6.97 7.23
CA SER A 52 20.74 -6.75 6.92
C SER A 52 20.51 -6.29 5.51
N ALA A 53 21.44 -5.49 4.97
CA ALA A 53 21.28 -4.84 3.67
C ALA A 53 21.85 -5.66 2.51
N THR A 54 22.53 -6.79 2.78
CA THR A 54 23.24 -7.46 1.71
C THR A 54 22.19 -7.92 0.66
N GLY A 55 22.47 -7.72 -0.64
CA GLY A 55 21.54 -8.14 -1.68
C GLY A 55 20.49 -7.06 -1.99
N HIS A 56 20.44 -6.02 -1.16
CA HIS A 56 19.48 -4.89 -1.40
C HIS A 56 20.21 -3.65 -1.96
N ALA A 57 19.55 -2.91 -2.83
CA ALA A 57 20.10 -1.60 -3.29
C ALA A 57 20.07 -0.67 -2.08
N ILE A 58 21.06 0.22 -1.95
CA ILE A 58 21.07 1.08 -0.80
C ILE A 58 21.31 2.52 -1.22
N TYR A 59 20.88 3.41 -0.34
CA TYR A 59 21.15 4.85 -0.51
C TYR A 59 22.41 5.17 0.26
N THR A 60 23.38 5.82 -0.37
CA THR A 60 24.60 6.21 0.37
C THR A 60 24.64 7.77 0.36
N PRO A 61 24.30 8.43 1.46
CA PRO A 61 24.15 9.89 1.39
C PRO A 61 25.49 10.56 1.15
N SER A 62 26.60 9.94 1.52
CA SER A 62 27.90 10.62 1.30
C SER A 62 28.24 10.74 -0.16
N LYS A 63 27.53 10.03 -1.05
CA LYS A 63 27.84 10.11 -2.48
C LYS A 63 26.87 11.00 -3.18
N SER A 64 26.01 11.66 -2.40
CA SER A 64 25.04 12.60 -2.94
C SER A 64 25.42 14.02 -2.52
N SER A 65 25.65 14.90 -3.49
CA SER A 65 26.03 16.29 -3.22
C SER A 65 24.89 17.12 -2.60
N THR A 66 23.65 16.61 -2.63
CA THR A 66 22.51 17.33 -2.06
C THR A 66 22.02 16.79 -0.70
N SER A 67 22.66 15.73 -0.17
CA SER A 67 22.20 15.18 1.10
C SER A 67 22.62 16.08 2.23
N LYS A 68 21.86 16.06 3.32
CA LYS A 68 22.32 16.70 4.55
C LYS A 68 21.78 15.93 5.70
N LYS A 69 22.60 15.71 6.71
CA LYS A 69 22.08 14.99 7.89
C LYS A 69 21.22 15.91 8.77
N VAL A 70 20.10 15.42 9.30
CA VAL A 70 19.27 16.22 10.19
C VAL A 70 19.73 15.92 11.61
N SER A 71 20.42 16.90 12.19
CA SER A 71 21.01 16.74 13.49
C SER A 71 19.95 16.41 14.52
N GLY A 72 20.20 15.44 15.38
CA GLY A 72 19.28 15.14 16.47
C GLY A 72 17.99 14.36 16.14
N ALA A 73 17.80 14.00 14.85
CA ALA A 73 16.52 13.42 14.43
C ALA A 73 16.65 11.90 14.48
N SER A 74 15.59 11.22 14.97
CA SER A 74 15.60 9.72 14.98
C SER A 74 14.20 9.26 14.70
N TRP A 75 14.03 7.95 14.45
CA TRP A 75 12.69 7.50 14.12
C TRP A 75 12.63 5.99 14.37
N SER A 76 11.44 5.45 14.72
CA SER A 76 11.30 3.97 14.79
C SER A 76 9.84 3.72 14.46
N ILE A 77 9.54 2.59 13.81
CA ILE A 77 8.17 2.33 13.37
C ILE A 77 7.93 0.83 13.58
N SER A 78 6.76 0.44 14.05
CA SER A 78 6.33 -0.98 14.18
C SER A 78 5.16 -1.12 13.25
N TYR A 79 5.21 -2.11 12.38
CA TYR A 79 4.13 -2.28 11.41
C TYR A 79 3.14 -3.39 11.82
N GLY A 80 2.01 -3.42 11.12
CA GLY A 80 0.88 -4.21 11.50
C GLY A 80 1.21 -5.66 11.45
N ASP A 81 2.18 -6.04 10.63
CA ASP A 81 2.52 -7.48 10.51
C ASP A 81 3.65 -7.85 11.44
N GLY A 82 3.99 -6.95 12.37
CA GLY A 82 5.06 -7.26 13.32
C GLY A 82 6.45 -6.86 12.86
N SER A 83 6.57 -6.42 11.61
CA SER A 83 7.89 -5.99 11.13
C SER A 83 8.25 -4.63 11.72
N SER A 84 9.54 -4.21 11.67
CA SER A 84 9.91 -2.91 12.23
C SER A 84 11.20 -2.38 11.62
N SER A 85 11.46 -1.09 11.83
CA SER A 85 12.73 -0.51 11.38
C SER A 85 12.90 0.82 12.15
N SER A 86 14.14 1.30 12.23
CA SER A 86 14.44 2.51 13.01
C SER A 86 15.77 3.12 12.46
N GLY A 87 16.04 4.39 12.76
CA GLY A 87 17.26 4.94 12.20
C GLY A 87 17.37 6.45 12.49
N ASP A 88 18.17 7.08 11.66
CA ASP A 88 18.28 8.56 11.78
C ASP A 88 17.85 9.15 10.44
N VAL A 89 18.12 10.42 10.23
CA VAL A 89 17.35 11.15 9.16
C VAL A 89 18.30 12.08 8.38
N TYR A 90 18.17 12.04 7.06
CA TYR A 90 18.81 12.99 6.14
C TYR A 90 17.71 13.74 5.35
N THR A 91 18.08 14.85 4.68
CA THR A 91 17.22 15.36 3.65
C THR A 91 17.97 15.16 2.34
N ASP A 92 17.23 14.98 1.28
CA ASP A 92 17.88 14.94 -0.02
C ASP A 92 16.82 15.14 -1.08
N LYS A 93 17.25 15.30 -2.34
CA LYS A 93 16.30 15.40 -3.45
C LYS A 93 15.67 14.01 -3.74
N VAL A 94 14.36 13.91 -3.91
CA VAL A 94 13.73 12.60 -4.19
C VAL A 94 12.79 12.76 -5.34
N THR A 95 13.06 12.00 -6.40
CA THR A 95 12.32 12.16 -7.65
C THR A 95 11.55 10.87 -7.88
N ILE A 96 10.26 11.00 -8.16
CA ILE A 96 9.44 9.82 -8.39
C ILE A 96 8.74 10.06 -9.74
N GLY A 97 8.86 9.14 -10.67
CA GLY A 97 8.17 9.28 -11.96
C GLY A 97 8.46 10.58 -12.69
N GLY A 98 9.67 11.10 -12.49
CA GLY A 98 10.11 12.31 -13.14
C GLY A 98 9.74 13.57 -12.41
N PHE A 99 9.02 13.50 -11.28
CA PHE A 99 8.74 14.73 -10.49
C PHE A 99 9.62 14.82 -9.21
N SER A 100 10.27 15.96 -8.95
CA SER A 100 11.24 16.02 -7.82
C SER A 100 10.74 16.84 -6.68
N VAL A 101 11.02 16.35 -5.47
CA VAL A 101 10.93 17.14 -4.24
C VAL A 101 12.36 17.39 -3.84
N ASN A 102 12.75 18.64 -3.80
CA ASN A 102 14.17 18.94 -3.58
C ASN A 102 14.76 18.66 -2.23
N THR A 103 13.97 18.87 -1.19
CA THR A 103 14.47 18.68 0.19
C THR A 103 13.43 17.81 0.88
N GLN A 104 13.60 16.50 0.79
CA GLN A 104 12.61 15.59 1.33
C GLN A 104 13.31 14.84 2.51
N GLY A 105 12.61 14.62 3.62
CA GLY A 105 13.11 13.74 4.66
C GLY A 105 13.27 12.29 4.18
N VAL A 106 14.51 11.80 4.27
CA VAL A 106 14.83 10.46 3.83
C VAL A 106 15.39 9.77 5.10
N GLU A 107 14.60 8.85 5.66
CA GLU A 107 14.88 8.28 6.95
C GLU A 107 15.81 7.08 6.72
N SER A 108 17.03 7.16 7.23
CA SER A 108 18.01 6.06 7.03
C SER A 108 17.95 4.96 8.07
N ALA A 109 17.71 3.69 7.68
CA ALA A 109 17.48 2.68 8.67
C ALA A 109 18.82 2.23 9.25
N THR A 110 18.98 2.37 10.55
CA THR A 110 20.13 1.70 11.14
C THR A 110 19.77 0.37 11.77
N ARG A 111 18.51 0.00 11.78
CA ARG A 111 18.11 -1.32 12.22
C ARG A 111 16.83 -1.72 11.45
N VAL A 112 16.73 -2.94 10.91
CA VAL A 112 15.49 -3.38 10.29
C VAL A 112 15.24 -4.81 10.70
N SER A 113 13.98 -5.20 10.74
CA SER A 113 13.63 -6.50 11.20
C SER A 113 13.83 -7.54 10.12
N THR A 114 13.80 -8.80 10.55
CA THR A 114 14.05 -9.88 9.64
C THR A 114 13.18 -9.91 8.40
N GLU A 115 11.90 -9.55 8.54
CA GLU A 115 11.02 -9.49 7.40
C GLU A 115 11.59 -8.60 6.27
N PHE A 116 12.10 -7.41 6.62
CA PHE A 116 12.67 -6.53 5.60
C PHE A 116 14.02 -7.09 5.12
N VAL A 117 14.79 -7.68 6.03
CA VAL A 117 16.07 -8.24 5.60
C VAL A 117 15.79 -9.24 4.45
N GLN A 118 14.81 -10.12 4.66
CA GLN A 118 14.62 -11.23 3.74
C GLN A 118 14.06 -10.76 2.39
N ASP A 119 13.46 -9.57 2.36
CA ASP A 119 12.70 -9.12 1.17
C ASP A 119 13.66 -8.31 0.31
N THR A 120 14.52 -9.02 -0.38
CA THR A 120 15.68 -8.38 -1.02
C THR A 120 15.25 -7.41 -2.11
N VAL A 121 14.11 -7.68 -2.72
CA VAL A 121 13.65 -6.82 -3.81
C VAL A 121 13.20 -5.40 -3.38
N ILE A 122 13.09 -5.11 -2.08
CA ILE A 122 12.77 -3.70 -1.73
C ILE A 122 13.88 -3.12 -0.92
N SER A 123 13.91 -1.80 -0.92
CA SER A 123 14.96 -1.07 -0.26
C SER A 123 14.34 -0.01 0.66
N GLY A 124 13.05 -0.20 1.06
CA GLY A 124 12.42 0.65 2.04
C GLY A 124 11.00 1.02 1.55
N LEU A 125 10.45 2.08 2.14
CA LEU A 125 9.01 2.41 1.94
C LEU A 125 8.92 3.86 1.64
N VAL A 126 7.92 4.22 0.84
CA VAL A 126 7.54 5.66 0.78
C VAL A 126 6.17 5.78 1.47
N GLY A 127 6.12 6.45 2.63
CA GLY A 127 4.91 6.55 3.44
C GLY A 127 4.09 7.63 2.70
N LEU A 128 2.85 7.26 2.39
CA LEU A 128 1.88 8.17 1.71
C LEU A 128 0.58 8.38 2.50
N ALA A 129 0.57 8.06 3.81
CA ALA A 129 -0.56 8.36 4.66
C ALA A 129 -0.38 9.87 5.07
N PHE A 130 -1.06 10.31 6.14
CA PHE A 130 -1.04 11.76 6.55
C PHE A 130 0.22 12.14 7.33
N ASP A 131 0.58 13.42 7.29
CA ASP A 131 1.83 13.88 7.91
C ASP A 131 1.77 13.64 9.42
N SER A 132 0.56 13.70 9.98
CA SER A 132 0.41 13.55 11.43
C SER A 132 1.00 12.19 11.92
N GLY A 133 1.02 11.20 11.05
CA GLY A 133 1.55 9.88 11.47
C GLY A 133 3.06 9.81 11.42
N ASN A 134 3.74 10.82 10.91
CA ASN A 134 5.20 10.63 10.70
C ASN A 134 5.92 10.44 12.06
N GLN A 135 6.87 9.52 12.11
CA GLN A 135 7.47 9.09 13.39
C GLN A 135 8.82 9.75 13.73
N VAL A 136 9.28 10.71 12.92
CA VAL A 136 10.55 11.37 13.25
C VAL A 136 10.39 12.23 14.55
N ARG A 137 11.33 12.06 15.46
CA ARG A 137 11.43 12.88 16.67
C ARG A 137 12.79 13.59 16.76
N PRO A 138 12.85 14.80 17.35
CA PRO A 138 11.72 15.58 17.93
C PRO A 138 10.82 16.24 16.89
N HIS A 139 11.29 16.45 15.64
CA HIS A 139 10.50 17.21 14.67
C HIS A 139 10.07 16.29 13.53
N PRO A 140 8.75 16.11 13.37
CA PRO A 140 8.31 15.18 12.31
C PRO A 140 8.68 15.70 10.92
N GLN A 141 8.78 14.75 9.98
CA GLN A 141 9.10 15.05 8.57
C GLN A 141 7.80 14.90 7.80
N LYS A 142 7.57 15.77 6.81
CA LYS A 142 6.41 15.66 5.93
C LYS A 142 6.63 14.54 4.89
N THR A 143 5.53 13.89 4.50
CA THR A 143 5.65 12.85 3.48
C THR A 143 6.02 13.44 2.11
N TRP A 144 6.48 12.57 1.25
CA TRP A 144 6.95 13.05 -0.07
C TRP A 144 5.77 13.65 -0.82
N PHE A 145 4.61 12.99 -0.66
CA PHE A 145 3.47 13.50 -1.39
C PHE A 145 2.99 14.85 -0.83
N SER A 146 2.93 14.98 0.51
CA SER A 146 2.58 16.27 1.10
C SER A 146 3.57 17.37 0.61
N ASN A 147 4.86 17.08 0.63
CA ASN A 147 5.79 18.07 0.10
C ASN A 147 5.57 18.35 -1.40
N ALA A 148 5.22 17.33 -2.16
CA ALA A 148 5.09 17.51 -3.64
C ALA A 148 3.77 18.27 -3.95
N ALA A 149 2.77 18.15 -3.07
CA ALA A 149 1.40 18.43 -3.44
C ALA A 149 1.20 19.85 -3.86
N SER A 150 1.89 20.79 -3.22
CA SER A 150 1.58 22.18 -3.57
C SER A 150 2.26 22.55 -4.90
N SER A 151 3.13 21.70 -5.41
CA SER A 151 3.83 22.07 -6.64
C SER A 151 3.41 21.20 -7.88
N LEU A 152 2.53 20.24 -7.65
CA LEU A 152 1.97 19.38 -8.74
C LEU A 152 0.85 20.13 -9.42
N ALA A 153 0.45 19.69 -10.64
CA ALA A 153 -0.74 20.29 -11.27
C ALA A 153 -1.95 20.25 -10.31
N GLU A 154 -2.17 19.10 -9.71
CA GLU A 154 -3.21 18.96 -8.67
C GLU A 154 -2.68 18.13 -7.53
N PRO A 155 -3.25 18.34 -6.33
CA PRO A 155 -2.59 17.70 -5.17
C PRO A 155 -3.20 16.32 -4.90
N LEU A 156 -3.00 15.45 -5.87
CA LEU A 156 -3.61 14.13 -5.78
C LEU A 156 -2.64 13.11 -6.38
N PHE A 157 -2.81 11.86 -5.99
CA PHE A 157 -2.12 10.80 -6.64
C PHE A 157 -2.96 9.59 -6.82
N THR A 158 -2.61 8.74 -7.78
CA THR A 158 -3.46 7.59 -8.06
C THR A 158 -2.66 6.30 -7.93
N ALA A 159 -3.37 5.24 -7.57
CA ALA A 159 -2.74 3.91 -7.54
C ALA A 159 -3.50 3.08 -8.56
N ASP A 160 -2.75 2.47 -9.48
CA ASP A 160 -3.27 1.49 -10.42
C ASP A 160 -2.42 0.22 -10.18
N LEU A 161 -2.94 -0.73 -9.41
CA LEU A 161 -2.22 -2.00 -9.12
C LEU A 161 -2.92 -3.06 -9.93
N ARG A 162 -2.17 -4.04 -10.41
CA ARG A 162 -2.69 -5.13 -11.24
C ARG A 162 -2.17 -6.47 -10.75
N HIS A 163 -2.94 -7.50 -11.03
CA HIS A 163 -2.55 -8.87 -10.70
C HIS A 163 -1.54 -9.33 -11.71
N GLY A 164 -0.32 -9.58 -11.28
CA GLY A 164 0.64 -10.19 -12.17
C GLY A 164 1.07 -9.39 -13.38
N GLN A 165 0.86 -8.05 -13.36
CA GLN A 165 1.14 -7.17 -14.51
C GLN A 165 1.63 -5.84 -13.96
N ASN A 166 2.41 -5.11 -14.73
CA ASN A 166 2.85 -3.79 -14.24
C ASN A 166 1.67 -2.85 -14.20
N GLY A 167 1.72 -1.89 -13.27
CA GLY A 167 0.69 -0.90 -13.13
C GLY A 167 1.41 0.43 -13.00
N SER A 168 0.79 1.39 -12.32
CA SER A 168 1.38 2.74 -12.23
C SER A 168 1.02 3.47 -10.94
N TYR A 169 1.93 4.32 -10.47
CA TYR A 169 1.57 5.32 -9.48
C TYR A 169 1.73 6.65 -10.16
N ASN A 170 0.65 7.46 -10.24
CA ASN A 170 0.70 8.73 -10.91
C ASN A 170 0.49 9.86 -9.92
N PHE A 171 1.09 11.01 -10.22
CA PHE A 171 1.00 12.17 -9.31
C PHE A 171 0.56 13.38 -10.08
N GLY A 172 -0.49 14.02 -9.62
CA GLY A 172 -0.89 15.33 -10.14
C GLY A 172 -1.98 15.26 -11.20
N TYR A 173 -2.47 14.06 -11.53
CA TYR A 173 -3.57 13.97 -12.57
C TYR A 173 -4.22 12.60 -12.48
N ILE A 174 -5.38 12.45 -13.11
CA ILE A 174 -6.16 11.25 -12.96
C ILE A 174 -6.31 10.59 -14.34
N ASP A 175 -5.59 9.48 -14.52
CA ASP A 175 -5.60 8.80 -15.84
C ASP A 175 -6.74 7.74 -15.86
N THR A 176 -7.97 8.20 -16.04
CA THR A 176 -9.13 7.31 -16.01
C THR A 176 -9.17 6.41 -17.24
N SER A 177 -8.27 6.65 -18.19
CA SER A 177 -8.26 5.78 -19.37
C SER A 177 -7.89 4.34 -18.98
N VAL A 178 -7.32 4.12 -17.77
CA VAL A 178 -7.09 2.73 -17.36
C VAL A 178 -8.32 2.03 -16.74
N ALA A 179 -9.38 2.80 -16.57
CA ALA A 179 -10.60 2.34 -15.88
C ALA A 179 -11.81 2.26 -16.80
N LYS A 180 -12.89 1.60 -16.35
CA LYS A 180 -14.02 1.52 -17.26
C LYS A 180 -15.24 2.23 -16.77
N GLY A 181 -15.14 2.84 -15.60
CA GLY A 181 -16.22 3.61 -15.01
C GLY A 181 -15.60 4.91 -14.50
N PRO A 182 -16.46 5.80 -14.06
CA PRO A 182 -15.95 7.09 -13.62
C PRO A 182 -15.45 7.04 -12.19
N VAL A 183 -14.65 8.00 -11.79
CA VAL A 183 -14.26 8.09 -10.35
C VAL A 183 -15.48 8.46 -9.50
N ALA A 184 -15.70 7.68 -8.46
CA ALA A 184 -16.70 7.99 -7.44
C ALA A 184 -15.91 8.31 -6.15
N TYR A 185 -16.26 9.44 -5.49
CA TYR A 185 -15.53 9.88 -4.30
C TYR A 185 -16.31 9.65 -3.05
N THR A 186 -15.58 9.52 -1.94
CA THR A 186 -16.16 9.52 -0.59
C THR A 186 -15.16 10.26 0.33
N PRO A 187 -15.66 10.86 1.43
CA PRO A 187 -14.76 11.67 2.24
C PRO A 187 -13.84 10.78 3.08
N VAL A 188 -12.66 11.35 3.29
CA VAL A 188 -11.63 10.66 4.11
C VAL A 188 -11.61 11.25 5.52
N ASP A 189 -11.41 10.38 6.52
CA ASP A 189 -11.31 10.81 7.92
C ASP A 189 -9.85 10.66 8.25
N ASN A 190 -9.11 11.75 8.39
CA ASN A 190 -7.71 11.57 8.66
C ASN A 190 -7.36 11.65 10.14
N SER A 191 -8.36 11.41 10.99
CA SER A 191 -8.14 11.57 12.42
C SER A 191 -7.11 10.65 12.99
N GLN A 192 -7.04 9.42 12.46
CA GLN A 192 -6.01 8.48 12.87
C GLN A 192 -4.75 8.48 11.98
N GLY A 193 -4.62 9.44 11.05
CA GLY A 193 -3.43 9.50 10.22
C GLY A 193 -3.59 8.69 8.93
N PHE A 194 -4.75 8.05 8.72
CA PHE A 194 -4.88 7.12 7.54
C PHE A 194 -5.84 7.64 6.49
N TRP A 195 -5.82 7.01 5.27
CA TRP A 195 -6.87 7.27 4.29
C TRP A 195 -8.10 6.42 4.70
N GLU A 196 -8.73 6.83 5.79
CA GLU A 196 -9.85 6.06 6.34
C GLU A 196 -11.14 6.56 5.68
N PHE A 197 -12.01 5.62 5.33
CA PHE A 197 -13.27 6.02 4.69
C PHE A 197 -14.37 4.98 5.16
N THR A 198 -15.60 5.25 4.75
CA THR A 198 -16.66 4.33 5.02
C THR A 198 -17.32 3.88 3.74
N ALA A 199 -17.37 2.57 3.50
CA ALA A 199 -18.13 2.02 2.36
C ALA A 199 -19.56 1.89 2.85
N SER A 200 -20.55 2.23 2.03
CA SER A 200 -21.93 2.33 2.52
C SER A 200 -22.57 0.98 2.63
N GLY A 201 -21.92 -0.05 2.13
CA GLY A 201 -22.45 -1.42 2.27
C GLY A 201 -21.73 -2.34 1.32
N TYR A 202 -22.16 -3.58 1.21
CA TYR A 202 -21.45 -4.55 0.39
C TYR A 202 -22.42 -5.59 -0.16
N SER A 203 -21.89 -6.39 -1.07
CA SER A 203 -22.63 -7.56 -1.58
C SER A 203 -21.68 -8.68 -2.04
N VAL A 204 -22.16 -9.90 -1.86
CA VAL A 204 -21.40 -11.06 -2.27
C VAL A 204 -22.10 -11.65 -3.50
N GLY A 205 -21.39 -11.74 -4.61
CA GLY A 205 -21.88 -12.43 -5.79
C GLY A 205 -22.87 -11.63 -6.60
N GLY A 206 -22.78 -10.31 -6.50
CA GLY A 206 -23.54 -9.48 -7.39
C GLY A 206 -24.96 -9.04 -7.13
N GLY A 207 -25.60 -9.37 -6.01
CA GLY A 207 -26.90 -8.73 -5.79
C GLY A 207 -26.73 -7.25 -5.40
N LYS A 208 -27.83 -6.60 -5.02
CA LYS A 208 -27.84 -5.19 -4.57
C LYS A 208 -26.99 -4.99 -3.28
N LEU A 209 -26.32 -3.84 -3.18
CA LEU A 209 -25.61 -3.52 -1.94
C LEU A 209 -26.55 -3.51 -0.77
N ASN A 210 -26.11 -4.12 0.32
CA ASN A 210 -26.81 -3.96 1.61
C ASN A 210 -26.43 -2.58 2.18
N ARG A 211 -26.87 -2.25 3.39
CA ARG A 211 -26.55 -0.95 3.99
C ARG A 211 -25.69 -1.20 5.24
N ASN A 212 -24.98 -2.31 5.25
CA ASN A 212 -24.09 -2.63 6.36
C ASN A 212 -22.74 -1.95 6.13
N SER A 213 -22.56 -0.73 6.63
CA SER A 213 -21.43 0.06 6.23
C SER A 213 -20.11 -0.54 6.81
N ILE A 214 -19.01 -0.19 6.17
CA ILE A 214 -17.70 -0.75 6.59
C ILE A 214 -16.74 0.44 6.72
N ASP A 215 -16.14 0.65 7.90
CA ASP A 215 -15.09 1.69 8.09
C ASP A 215 -13.74 1.00 7.90
N GLY A 216 -12.89 1.52 7.02
CA GLY A 216 -11.61 0.88 6.91
C GLY A 216 -10.65 1.82 6.18
N ILE A 217 -9.40 1.40 6.02
CA ILE A 217 -8.38 2.31 5.46
C ILE A 217 -7.91 1.77 4.08
N ALA A 218 -7.65 2.69 3.17
CA ALA A 218 -7.13 2.30 1.84
C ALA A 218 -5.62 2.22 1.98
N ASP A 219 -5.05 1.02 1.90
CA ASP A 219 -3.60 0.81 2.21
C ASP A 219 -2.91 0.04 1.11
N THR A 220 -2.14 0.76 0.28
CA THR A 220 -1.42 0.13 -0.79
C THR A 220 -0.34 -0.82 -0.22
N GLY A 221 0.02 -0.59 1.05
CA GLY A 221 1.04 -1.36 1.71
C GLY A 221 0.57 -2.62 2.44
N THR A 222 -0.73 -2.97 2.31
CA THR A 222 -1.21 -4.27 2.79
C THR A 222 -1.59 -5.18 1.65
N THR A 223 -1.25 -6.48 1.75
CA THR A 223 -1.51 -7.38 0.63
C THR A 223 -3.00 -7.61 0.45
N LEU A 224 -3.68 -7.86 1.56
CA LEU A 224 -5.00 -8.51 1.51
C LEU A 224 -6.18 -7.50 1.68
N LEU A 225 -7.39 -7.99 1.52
CA LEU A 225 -8.56 -7.25 1.90
C LEU A 225 -8.94 -7.84 3.27
N LEU A 226 -8.84 -7.04 4.32
CA LEU A 226 -9.00 -7.50 5.69
C LEU A 226 -10.28 -6.88 6.25
N LEU A 227 -11.29 -7.73 6.48
CA LEU A 227 -12.63 -7.24 6.82
C LEU A 227 -13.12 -8.03 8.03
N ASP A 228 -14.16 -7.53 8.66
CA ASP A 228 -14.54 -8.15 9.97
C ASP A 228 -15.11 -9.58 9.78
N ASP A 229 -15.20 -10.33 10.86
CA ASP A 229 -15.61 -11.76 10.77
C ASP A 229 -16.99 -11.97 10.15
N ASN A 230 -17.94 -11.06 10.37
CA ASN A 230 -19.26 -11.15 9.74
C ASN A 230 -19.23 -11.06 8.22
N VAL A 231 -18.41 -10.16 7.72
CA VAL A 231 -18.21 -10.04 6.26
C VAL A 231 -17.48 -11.22 5.68
N VAL A 232 -16.42 -11.68 6.37
CA VAL A 232 -15.71 -12.84 5.90
C VAL A 232 -16.67 -14.04 5.84
N ASP A 233 -17.43 -14.22 6.92
CA ASP A 233 -18.44 -15.28 6.96
C ASP A 233 -19.44 -15.14 5.80
N ALA A 234 -19.92 -13.93 5.52
CA ALA A 234 -20.88 -13.76 4.44
C ALA A 234 -20.22 -14.07 3.10
N TYR A 235 -18.99 -13.62 2.92
CA TYR A 235 -18.30 -13.84 1.63
C TYR A 235 -18.15 -15.38 1.30
N TYR A 236 -17.67 -16.16 2.27
CA TYR A 236 -17.36 -17.58 2.07
C TYR A 236 -18.54 -18.51 2.32
N ALA A 237 -19.71 -17.95 2.62
CA ALA A 237 -20.86 -18.78 3.06
C ALA A 237 -21.26 -19.82 2.02
N ASN A 238 -21.18 -19.50 0.74
CA ASN A 238 -21.54 -20.48 -0.30
C ASN A 238 -20.33 -20.96 -1.09
N VAL A 239 -19.15 -20.74 -0.54
CA VAL A 239 -17.95 -21.27 -1.15
C VAL A 239 -17.77 -22.64 -0.50
N GLN A 240 -18.19 -23.67 -1.22
CA GLN A 240 -18.34 -25.01 -0.62
C GLN A 240 -17.08 -25.51 0.02
N SER A 241 -15.96 -25.36 -0.65
CA SER A 241 -14.76 -25.98 -0.13
C SER A 241 -14.02 -25.07 0.87
N ALA A 242 -14.57 -23.92 1.23
CA ALA A 242 -13.84 -23.00 2.09
C ALA A 242 -13.68 -23.53 3.50
N GLN A 243 -12.50 -23.33 4.10
CA GLN A 243 -12.31 -23.66 5.51
C GLN A 243 -11.15 -22.87 6.07
N TYR A 244 -11.17 -22.56 7.37
CA TYR A 244 -9.99 -21.97 7.99
C TYR A 244 -8.86 -22.97 8.12
N ASP A 245 -7.65 -22.55 7.72
CA ASP A 245 -6.48 -23.40 7.75
C ASP A 245 -5.56 -22.79 8.79
N ASN A 246 -5.42 -23.46 9.93
CA ASN A 246 -4.61 -22.92 11.00
C ASN A 246 -3.15 -22.71 10.68
N GLN A 247 -2.62 -23.49 9.74
CA GLN A 247 -1.23 -23.29 9.36
C GLN A 247 -1.08 -22.05 8.49
N GLN A 248 -2.01 -21.84 7.54
CA GLN A 248 -1.99 -20.63 6.70
C GLN A 248 -2.45 -19.37 7.42
N GLU A 249 -3.12 -19.55 8.56
CA GLU A 249 -3.83 -18.53 9.33
C GLU A 249 -4.77 -17.75 8.45
N GLY A 250 -5.57 -18.46 7.68
CA GLY A 250 -6.50 -17.82 6.78
C GLY A 250 -7.42 -18.83 6.14
N VAL A 251 -8.50 -18.32 5.53
CA VAL A 251 -9.43 -19.18 4.83
C VAL A 251 -8.81 -19.64 3.51
N VAL A 252 -8.96 -20.93 3.21
CA VAL A 252 -8.49 -21.52 1.96
C VAL A 252 -9.66 -22.31 1.36
N PHE A 253 -9.53 -22.70 0.10
CA PHE A 253 -10.61 -23.38 -0.61
C PHE A 253 -9.94 -24.01 -1.86
N ASP A 254 -10.63 -24.90 -2.58
CA ASP A 254 -10.06 -25.45 -3.83
C ASP A 254 -9.75 -24.35 -4.84
N CYS A 255 -8.56 -24.39 -5.43
CA CYS A 255 -8.20 -23.44 -6.49
C CYS A 255 -9.19 -23.33 -7.64
N ASP A 256 -9.95 -24.38 -7.91
CA ASP A 256 -10.90 -24.30 -9.01
C ASP A 256 -12.30 -23.75 -8.63
N GLU A 257 -12.51 -23.38 -7.37
CA GLU A 257 -13.72 -22.66 -7.00
C GLU A 257 -13.96 -21.51 -7.98
N ASP A 258 -15.20 -21.35 -8.34
CA ASP A 258 -15.60 -20.16 -9.07
C ASP A 258 -16.05 -19.15 -8.01
N LEU A 259 -15.17 -18.26 -7.57
CA LEU A 259 -15.46 -17.48 -6.37
C LEU A 259 -16.48 -16.38 -6.69
N PRO A 260 -17.33 -15.99 -5.72
CA PRO A 260 -18.27 -14.92 -6.03
C PRO A 260 -17.49 -13.57 -6.01
N SER A 261 -18.04 -12.59 -6.69
CA SER A 261 -17.46 -11.24 -6.58
C SER A 261 -17.72 -10.67 -5.19
N PHE A 262 -17.00 -9.58 -4.88
CA PHE A 262 -17.26 -8.86 -3.64
C PHE A 262 -17.38 -7.42 -4.08
N SER A 263 -18.53 -6.82 -3.78
CA SER A 263 -18.80 -5.44 -4.17
C SER A 263 -18.99 -4.58 -2.95
N PHE A 264 -18.65 -3.28 -3.03
CA PHE A 264 -18.92 -2.45 -1.88
C PHE A 264 -19.28 -1.05 -2.41
N GLY A 265 -19.94 -0.27 -1.57
CA GLY A 265 -20.49 1.03 -1.98
C GLY A 265 -19.52 2.16 -1.66
N VAL A 266 -19.12 2.96 -2.66
CA VAL A 266 -18.35 4.19 -2.45
C VAL A 266 -19.38 5.33 -2.61
N GLY A 267 -19.92 5.81 -1.50
CA GLY A 267 -21.14 6.60 -1.51
C GLY A 267 -22.23 5.73 -2.13
N SER A 268 -22.87 6.19 -3.20
CA SER A 268 -23.87 5.34 -3.81
C SER A 268 -23.36 4.64 -5.06
N SER A 269 -22.06 4.78 -5.39
CA SER A 269 -21.51 4.02 -6.50
C SER A 269 -21.00 2.60 -6.10
N THR A 270 -20.95 1.67 -7.03
CA THR A 270 -20.46 0.32 -6.61
C THR A 270 -19.07 0.07 -7.18
N ILE A 271 -18.20 -0.55 -6.36
CA ILE A 271 -16.94 -1.08 -6.93
C ILE A 271 -17.05 -2.58 -6.68
N THR A 272 -16.76 -3.33 -7.72
CA THR A 272 -16.85 -4.80 -7.67
C THR A 272 -15.50 -5.43 -7.92
N ILE A 273 -15.11 -6.22 -6.96
CA ILE A 273 -13.90 -7.01 -7.04
C ILE A 273 -14.28 -8.35 -7.63
N PRO A 274 -13.79 -8.67 -8.83
CA PRO A 274 -14.25 -9.93 -9.43
C PRO A 274 -13.74 -11.16 -8.65
N GLY A 275 -14.42 -12.33 -8.70
CA GLY A 275 -13.91 -13.46 -7.94
C GLY A 275 -12.47 -13.87 -8.25
N ASP A 276 -12.03 -13.68 -9.49
CA ASP A 276 -10.65 -13.93 -9.90
C ASP A 276 -9.68 -13.35 -8.91
N LEU A 277 -9.90 -12.09 -8.55
CA LEU A 277 -8.92 -11.36 -7.73
C LEU A 277 -9.06 -11.72 -6.26
N LEU A 278 -10.06 -12.55 -5.92
CA LEU A 278 -10.25 -12.97 -4.53
C LEU A 278 -9.55 -14.33 -4.28
N ASN A 279 -8.93 -14.86 -5.33
CA ASN A 279 -8.04 -16.03 -5.17
C ASN A 279 -6.61 -15.56 -5.21
N LEU A 280 -5.96 -15.53 -4.05
CA LEU A 280 -4.62 -14.92 -4.01
C LEU A 280 -3.54 -15.76 -4.67
N THR A 281 -3.49 -17.06 -4.28
CA THR A 281 -2.36 -17.89 -4.64
C THR A 281 -2.64 -19.34 -4.21
N PRO A 282 -2.11 -20.31 -4.98
CA PRO A 282 -2.06 -21.70 -4.48
C PRO A 282 -1.17 -21.74 -3.23
N LEU A 283 -1.41 -22.67 -2.32
CA LEU A 283 -0.65 -22.75 -1.06
C LEU A 283 0.83 -23.06 -1.31
N GLU A 284 1.10 -23.79 -2.37
CA GLU A 284 2.45 -23.99 -2.86
C GLU A 284 2.30 -24.41 -4.31
N GLU A 285 3.43 -24.54 -4.98
CA GLU A 285 3.50 -24.97 -6.37
C GLU A 285 2.70 -26.24 -6.62
N GLY A 286 1.80 -26.19 -7.60
CA GLY A 286 1.06 -27.35 -8.01
C GLY A 286 -0.08 -27.73 -7.09
N SER A 287 -0.27 -26.98 -6.00
CA SER A 287 -1.37 -27.26 -5.07
C SER A 287 -2.81 -27.09 -5.65
N SER A 288 -3.71 -27.93 -5.19
CA SER A 288 -5.11 -27.79 -5.54
C SER A 288 -5.89 -26.87 -4.54
N THR A 289 -5.20 -26.35 -3.51
CA THR A 289 -5.79 -25.52 -2.46
C THR A 289 -5.21 -24.11 -2.59
N CYS A 290 -6.08 -23.11 -2.51
CA CYS A 290 -5.66 -21.71 -2.68
C CYS A 290 -6.07 -20.87 -1.46
N PHE A 291 -5.33 -19.76 -1.26
CA PHE A 291 -5.49 -18.88 -0.11
C PHE A 291 -6.36 -17.70 -0.57
N GLY A 292 -7.39 -17.36 0.19
CA GLY A 292 -8.28 -16.26 -0.22
C GLY A 292 -7.67 -14.87 -0.07
N GLY A 293 -8.05 -13.97 -0.97
CA GLY A 293 -7.58 -12.60 -0.89
C GLY A 293 -8.33 -11.79 0.15
N LEU A 294 -9.50 -12.28 0.58
CA LEU A 294 -10.26 -11.63 1.64
C LEU A 294 -10.18 -12.45 2.91
N GLN A 295 -9.75 -11.81 3.99
CA GLN A 295 -9.42 -12.56 5.22
C GLN A 295 -9.88 -11.67 6.36
N SER A 296 -9.86 -12.21 7.58
CA SER A 296 -10.30 -11.41 8.71
C SER A 296 -9.37 -10.32 9.20
N SER A 297 -9.93 -9.15 9.53
CA SER A 297 -9.21 -8.07 10.18
C SER A 297 -9.22 -8.21 11.73
N SER A 298 -9.73 -9.32 12.26
CA SER A 298 -9.96 -9.42 13.72
C SER A 298 -8.62 -9.34 14.50
N GLY A 299 -7.57 -9.92 13.92
CA GLY A 299 -6.21 -9.86 14.45
C GLY A 299 -5.61 -8.46 14.54
N ILE A 300 -5.94 -7.56 13.63
CA ILE A 300 -5.23 -6.26 13.64
C ILE A 300 -6.11 -5.18 14.17
N GLY A 301 -7.41 -5.46 14.29
CA GLY A 301 -8.32 -4.52 14.89
C GLY A 301 -8.70 -3.35 14.01
N ILE A 302 -8.44 -3.40 12.68
CA ILE A 302 -8.86 -2.27 11.86
C ILE A 302 -9.12 -2.88 10.47
N ASN A 303 -10.18 -2.47 9.77
CA ASN A 303 -10.43 -3.06 8.44
C ASN A 303 -9.48 -2.38 7.43
N ILE A 304 -8.95 -3.16 6.48
CA ILE A 304 -7.95 -2.62 5.54
C ILE A 304 -8.32 -3.05 4.13
N PHE A 305 -8.60 -2.05 3.29
CA PHE A 305 -8.79 -2.23 1.85
C PHE A 305 -7.38 -2.24 1.25
N GLY A 306 -6.77 -3.44 1.19
CA GLY A 306 -5.38 -3.62 0.75
C GLY A 306 -5.35 -3.89 -0.75
N ASP A 307 -4.25 -4.43 -1.24
CA ASP A 307 -4.07 -4.50 -2.68
C ASP A 307 -5.13 -5.34 -3.35
N VAL A 308 -5.59 -6.41 -2.68
CA VAL A 308 -6.65 -7.25 -3.26
C VAL A 308 -7.82 -6.36 -3.72
N ALA A 309 -8.24 -5.43 -2.90
CA ALA A 309 -9.32 -4.51 -3.30
C ALA A 309 -8.84 -3.44 -4.30
N LEU A 310 -7.67 -2.86 -4.03
CA LEU A 310 -7.19 -1.75 -4.84
C LEU A 310 -7.01 -2.24 -6.32
N LYS A 311 -6.71 -3.52 -6.52
CA LYS A 311 -6.51 -4.07 -7.85
C LYS A 311 -7.76 -3.96 -8.71
N ALA A 312 -8.93 -3.87 -8.09
CA ALA A 312 -10.18 -3.78 -8.86
C ALA A 312 -10.44 -2.37 -9.41
N ALA A 313 -9.52 -1.41 -9.23
CA ALA A 313 -9.99 -0.03 -9.45
C ALA A 313 -8.79 0.84 -9.76
N LEU A 314 -9.04 2.03 -10.27
CA LEU A 314 -8.05 3.15 -10.26
C LEU A 314 -8.41 3.89 -8.99
N VAL A 315 -7.48 4.12 -8.08
CA VAL A 315 -7.87 4.69 -6.75
C VAL A 315 -7.18 6.03 -6.60
N VAL A 316 -7.98 7.08 -6.34
CA VAL A 316 -7.49 8.46 -6.32
C VAL A 316 -7.35 8.88 -4.86
N PHE A 317 -6.11 9.22 -4.48
CA PHE A 317 -5.86 9.68 -3.07
C PHE A 317 -5.76 11.19 -3.19
N ASP A 318 -6.85 11.89 -2.84
CA ASP A 318 -6.95 13.33 -3.21
C ASP A 318 -6.65 14.10 -1.89
N LEU A 319 -5.41 14.53 -1.74
CA LEU A 319 -4.98 15.18 -0.50
C LEU A 319 -5.53 16.61 -0.42
N GLY A 320 -5.74 17.20 -1.56
CA GLY A 320 -6.26 18.62 -1.63
C GLY A 320 -7.69 18.70 -1.06
N ASN A 321 -8.49 17.68 -1.40
CA ASN A 321 -9.87 17.57 -0.93
C ASN A 321 -10.17 16.61 0.24
N GLU A 322 -9.12 15.92 0.71
CA GLU A 322 -9.26 14.86 1.68
C GLU A 322 -10.44 13.98 1.35
N ARG A 323 -10.37 13.47 0.14
CA ARG A 323 -11.30 12.45 -0.30
C ARG A 323 -10.63 11.30 -1.02
N LEU A 324 -11.35 10.20 -1.18
CA LEU A 324 -10.81 8.98 -1.80
C LEU A 324 -11.72 8.61 -2.98
N GLY A 325 -11.17 8.52 -4.19
CA GLY A 325 -11.97 8.19 -5.35
C GLY A 325 -11.65 6.75 -5.79
N TRP A 326 -12.65 6.06 -6.35
CA TRP A 326 -12.50 4.69 -6.91
C TRP A 326 -13.22 4.71 -8.28
N ALA A 327 -12.50 4.33 -9.32
CA ALA A 327 -13.11 4.11 -10.66
C ALA A 327 -12.97 2.62 -10.91
N GLN A 328 -14.08 1.98 -11.26
CA GLN A 328 -14.05 0.55 -11.61
C GLN A 328 -13.05 0.28 -12.74
N LYS A 329 -12.18 -0.71 -12.52
CA LYS A 329 -11.28 -1.14 -13.59
C LYS A 329 -11.68 -2.56 -14.06
N VAL B 2 1.51 -9.09 3.86
CA VAL B 2 2.24 -7.96 4.44
CA VAL B 2 2.20 -8.05 4.62
C VAL B 2 1.19 -6.96 4.99
N VAL B 3 1.46 -6.26 6.13
CA VAL B 3 0.59 -5.19 6.60
C VAL B 3 1.45 -4.03 7.07
N ALA B 5 1.42 1.12 9.42
CA ALA B 5 2.09 1.56 10.66
C ALA B 5 1.03 1.68 11.81
#